data_7BEZ
#
_entry.id   7BEZ
#
_cell.length_a   117.754
_cell.length_b   62.511
_cell.length_c   75.397
_cell.angle_alpha   90.000
_cell.angle_beta   120.060
_cell.angle_gamma   90.000
#
_symmetry.space_group_name_H-M   'C 1 2 1'
#
loop_
_entity.id
_entity.type
_entity.pdbx_description
1 polymer 'Cadmium-specific carbonic anhydrase'
2 non-polymer 'ZINC ION'
3 water water
#
_entity_poly.entity_id   1
_entity_poly.type   'polypeptide(L)'
_entity_poly.pdbx_seq_one_letter_code
;MGSSHHHHHHSSGLVPRGSHMSITPPQIVSALRGRGWKASIVKASTMSSELKRVDPQGILKCVDGRGSDNTQFGGPKMPG
GIYAIAHNRGVTTLEGLKDITREVASKGHVPSVHGDHSSDMLGCGFFKLWLTGRFDDMGYPRPEFDADQGALAVRAAGGV
IEMHHGSHEEKVVYINLVSGMTLEPNEHDQRFIVDGWAASKFGLDVVKFLVAAAATVEMLGGPKKAKIVIP
;
_entity_poly.pdbx_strand_id   A,B
#
# COMPACT_ATOMS: atom_id res chain seq x y z
N GLY A 18 17.92 -21.83 -7.61
CA GLY A 18 16.61 -22.46 -7.28
C GLY A 18 16.76 -23.88 -6.77
N SER A 19 15.66 -24.48 -6.31
CA SER A 19 15.63 -25.83 -5.78
C SER A 19 14.74 -26.68 -6.68
N HIS A 20 14.93 -28.00 -6.69
CA HIS A 20 14.10 -28.80 -7.59
C HIS A 20 12.91 -29.46 -6.93
N MET A 21 12.01 -29.92 -7.80
CA MET A 21 10.78 -30.60 -7.41
C MET A 21 11.13 -32.05 -7.04
N SER A 22 11.47 -32.28 -5.78
CA SER A 22 11.85 -33.62 -5.31
C SER A 22 10.69 -34.56 -4.96
N ILE A 23 9.46 -34.11 -5.18
CA ILE A 23 8.31 -34.96 -4.90
C ILE A 23 7.45 -35.03 -6.15
N THR A 24 6.96 -36.22 -6.46
CA THR A 24 6.15 -36.40 -7.66
C THR A 24 4.70 -36.03 -7.38
N PRO A 25 3.92 -35.80 -8.45
CA PRO A 25 2.51 -35.45 -8.29
C PRO A 25 1.78 -36.60 -7.60
N PRO A 26 2.07 -37.85 -7.98
CA PRO A 26 1.40 -38.98 -7.34
C PRO A 26 1.66 -39.00 -5.84
N GLN A 27 2.89 -38.69 -5.43
CA GLN A 27 3.21 -38.66 -4.01
C GLN A 27 2.45 -37.53 -3.34
N ILE A 28 2.32 -36.40 -4.03
CA ILE A 28 1.58 -35.28 -3.45
C ILE A 28 0.14 -35.76 -3.21
N VAL A 29 -0.47 -36.35 -4.23
CA VAL A 29 -1.84 -36.85 -4.09
C VAL A 29 -1.89 -37.83 -2.93
N SER A 30 -0.93 -38.75 -2.85
CA SER A 30 -0.88 -39.73 -1.76
C SER A 30 -0.90 -39.01 -0.42
N ALA A 31 0.10 -38.14 -0.23
CA ALA A 31 0.22 -37.38 1.00
C ALA A 31 -1.12 -36.78 1.42
N LEU A 32 -1.74 -36.04 0.51
CA LEU A 32 -3.02 -35.41 0.79
C LEU A 32 -4.11 -36.39 1.22
N ARG A 33 -4.35 -37.42 0.41
CA ARG A 33 -5.37 -38.40 0.77
C ARG A 33 -5.07 -38.99 2.13
N GLY A 34 -3.79 -38.97 2.50
CA GLY A 34 -3.37 -39.48 3.79
C GLY A 34 -3.68 -38.54 4.94
N ARG A 35 -3.95 -37.27 4.62
CA ARG A 35 -4.29 -36.29 5.64
C ARG A 35 -5.81 -36.10 5.60
N GLY A 36 -6.49 -37.04 4.93
CA GLY A 36 -7.94 -37.00 4.84
C GLY A 36 -8.49 -36.21 3.66
N TRP A 37 -7.61 -35.85 2.73
CA TRP A 37 -8.05 -35.07 1.58
C TRP A 37 -8.58 -35.89 0.43
N LYS A 38 -9.36 -35.23 -0.42
CA LYS A 38 -9.86 -35.81 -1.64
C LYS A 38 -8.91 -35.15 -2.67
N ALA A 39 -8.18 -35.94 -3.44
CA ALA A 39 -7.24 -35.35 -4.39
C ALA A 39 -6.97 -36.13 -5.68
N SER A 40 -6.65 -35.40 -6.75
CA SER A 40 -6.35 -36.03 -8.04
C SER A 40 -5.48 -35.15 -8.92
N ILE A 41 -4.99 -35.77 -9.99
CA ILE A 41 -4.14 -35.09 -10.93
C ILE A 41 -4.93 -34.62 -12.13
N VAL A 42 -4.71 -33.37 -12.51
CA VAL A 42 -5.41 -32.82 -13.65
C VAL A 42 -4.35 -32.36 -14.68
N LYS A 43 -4.59 -32.73 -15.93
CA LYS A 43 -3.67 -32.36 -17.00
C LYS A 43 -3.88 -30.91 -17.41
N ALA A 44 -2.79 -30.17 -17.54
CA ALA A 44 -2.87 -28.77 -17.94
C ALA A 44 -3.65 -28.55 -19.23
N SER A 45 -3.61 -29.52 -20.14
CA SER A 45 -4.32 -29.38 -21.40
C SER A 45 -5.84 -29.24 -21.25
N THR A 46 -6.39 -29.69 -20.12
CA THR A 46 -7.84 -29.56 -19.89
C THR A 46 -8.22 -28.20 -19.28
N MET A 47 -7.20 -27.43 -18.87
CA MET A 47 -7.42 -26.12 -18.28
C MET A 47 -6.79 -25.08 -19.14
N SER A 48 -6.52 -25.47 -20.38
CA SER A 48 -5.90 -24.61 -21.38
C SER A 48 -6.42 -23.16 -21.37
N SER A 49 -7.74 -23.00 -21.29
CA SER A 49 -8.33 -21.66 -21.28
C SER A 49 -8.07 -20.83 -20.02
N GLU A 50 -7.77 -21.48 -18.90
CA GLU A 50 -7.54 -20.77 -17.63
C GLU A 50 -6.10 -20.52 -17.24
N LEU A 51 -5.22 -21.46 -17.57
CA LEU A 51 -3.82 -21.31 -17.24
C LEU A 51 -3.31 -20.09 -17.97
N LYS A 52 -2.74 -19.15 -17.22
CA LYS A 52 -2.22 -17.92 -17.79
C LYS A 52 -0.71 -17.83 -17.63
N ARG A 53 -0.02 -17.41 -18.68
CA ARG A 53 1.42 -17.23 -18.59
C ARG A 53 1.63 -16.14 -17.53
N VAL A 54 2.57 -16.32 -16.63
CA VAL A 54 2.80 -15.30 -15.60
C VAL A 54 3.20 -13.96 -16.20
N ASP A 55 2.57 -12.89 -15.71
CA ASP A 55 2.88 -11.52 -16.15
C ASP A 55 3.74 -10.93 -15.02
N PRO A 56 4.99 -10.54 -15.32
CA PRO A 56 5.92 -9.96 -14.33
C PRO A 56 5.45 -8.72 -13.60
N GLN A 57 4.44 -8.05 -14.13
CA GLN A 57 3.89 -6.87 -13.50
C GLN A 57 2.79 -7.27 -12.49
N GLY A 58 2.50 -8.57 -12.43
CA GLY A 58 1.50 -9.04 -11.49
C GLY A 58 2.11 -9.25 -10.12
N ILE A 59 1.34 -9.00 -9.07
CA ILE A 59 1.87 -9.21 -7.74
C ILE A 59 1.87 -10.70 -7.38
N LEU A 60 2.91 -11.09 -6.64
CA LEU A 60 3.07 -12.44 -6.10
C LEU A 60 2.16 -12.27 -4.89
N LYS A 61 1.01 -12.93 -4.92
CA LYS A 61 0.00 -12.79 -3.88
C LYS A 61 -0.46 -14.09 -3.21
N CYS A 62 -1.27 -13.93 -2.18
CA CYS A 62 -1.79 -15.06 -1.41
C CYS A 62 -2.73 -16.00 -2.18
N VAL A 63 -2.85 -17.22 -1.67
CA VAL A 63 -3.69 -18.28 -2.23
C VAL A 63 -5.18 -17.97 -2.05
N ASP A 64 -5.47 -17.00 -1.18
CA ASP A 64 -6.83 -16.54 -0.85
C ASP A 64 -7.70 -16.54 -2.12
N GLY A 65 -8.90 -17.10 -2.02
CA GLY A 65 -9.77 -17.14 -3.20
C GLY A 65 -10.78 -16.01 -3.35
N ARG A 66 -10.79 -15.07 -2.43
CA ARG A 66 -11.73 -13.96 -2.47
C ARG A 66 -11.34 -12.83 -3.43
N GLY A 67 -12.32 -11.99 -3.73
CA GLY A 67 -12.07 -10.85 -4.60
C GLY A 67 -11.29 -9.83 -3.78
N SER A 68 -10.67 -8.86 -4.45
CA SER A 68 -9.88 -7.86 -3.75
C SER A 68 -9.77 -6.67 -4.66
N ASP A 69 -9.01 -5.67 -4.24
CA ASP A 69 -8.82 -4.47 -5.05
C ASP A 69 -7.58 -4.60 -5.95
N ASN A 70 -7.12 -5.83 -6.18
CA ASN A 70 -5.92 -6.01 -7.01
C ASN A 70 -6.17 -5.53 -8.44
N THR A 71 -5.16 -4.87 -9.02
CA THR A 71 -5.22 -4.38 -10.41
C THR A 71 -3.96 -4.91 -11.12
N GLN A 72 -3.15 -5.67 -10.38
CA GLN A 72 -1.91 -6.23 -10.90
C GLN A 72 -1.99 -7.76 -10.99
N PHE A 73 -2.72 -8.21 -12.00
CA PHE A 73 -2.98 -9.63 -12.27
C PHE A 73 -1.82 -10.42 -12.90
N GLY A 74 -1.94 -11.74 -12.88
CA GLY A 74 -0.93 -12.58 -13.50
C GLY A 74 0.30 -12.98 -12.71
N GLY A 75 0.32 -12.69 -11.41
CA GLY A 75 1.47 -13.06 -10.58
C GLY A 75 1.30 -14.42 -9.92
N PRO A 76 2.38 -14.99 -9.35
CA PRO A 76 2.32 -16.30 -8.69
C PRO A 76 1.51 -16.25 -7.38
N LYS A 77 0.93 -17.39 -7.02
CA LYS A 77 0.14 -17.51 -5.81
C LYS A 77 0.86 -18.35 -4.77
N MET A 78 1.04 -17.79 -3.57
CA MET A 78 1.68 -18.47 -2.46
C MET A 78 0.98 -18.06 -1.15
N PRO A 79 0.97 -18.95 -0.15
CA PRO A 79 0.32 -18.61 1.12
C PRO A 79 0.86 -17.31 1.69
N GLY A 80 -0.05 -16.37 1.94
CA GLY A 80 0.32 -15.09 2.50
C GLY A 80 1.19 -14.23 1.60
N GLY A 81 1.16 -14.51 0.31
CA GLY A 81 1.99 -13.73 -0.60
C GLY A 81 3.45 -14.06 -0.33
N ILE A 82 4.30 -13.06 -0.19
CA ILE A 82 5.71 -13.35 0.05
C ILE A 82 5.98 -13.94 1.43
N TYR A 83 4.99 -13.87 2.32
CA TYR A 83 5.15 -14.46 3.64
C TYR A 83 5.49 -15.95 3.52
N ALA A 84 4.99 -16.61 2.49
CA ALA A 84 5.28 -18.03 2.31
C ALA A 84 6.80 -18.21 2.25
N ILE A 85 7.49 -17.31 1.56
CA ILE A 85 8.93 -17.41 1.44
C ILE A 85 9.63 -17.20 2.78
N ALA A 86 9.24 -16.16 3.52
CA ALA A 86 9.84 -15.90 4.82
C ALA A 86 9.59 -17.10 5.73
N HIS A 87 8.34 -17.58 5.72
CA HIS A 87 7.91 -18.71 6.52
C HIS A 87 8.74 -19.97 6.26
N ASN A 88 8.84 -20.36 4.99
CA ASN A 88 9.57 -21.56 4.59
C ASN A 88 11.05 -21.46 4.99
N ARG A 89 11.66 -20.28 4.87
CA ARG A 89 13.08 -20.08 5.22
C ARG A 89 13.33 -19.80 6.70
N GLY A 90 12.28 -19.70 7.50
CA GLY A 90 12.50 -19.37 8.90
C GLY A 90 12.99 -17.93 9.10
N VAL A 91 12.60 -17.02 8.20
CA VAL A 91 12.97 -15.61 8.30
C VAL A 91 11.87 -14.93 9.12
N THR A 92 12.24 -14.40 10.29
CA THR A 92 11.25 -13.83 11.20
C THR A 92 11.37 -12.36 11.56
N THR A 93 12.28 -11.63 10.91
CA THR A 93 12.47 -10.22 11.21
C THR A 93 12.00 -9.30 10.08
N LEU A 94 11.76 -8.04 10.41
CA LEU A 94 11.33 -7.05 9.42
C LEU A 94 12.43 -6.80 8.40
N GLU A 95 13.68 -6.76 8.85
CA GLU A 95 14.77 -6.52 7.93
C GLU A 95 14.88 -7.69 6.95
N GLY A 96 14.68 -8.91 7.45
CA GLY A 96 14.74 -10.08 6.60
C GLY A 96 13.58 -10.06 5.62
N LEU A 97 12.41 -9.64 6.10
CA LEU A 97 11.22 -9.58 5.26
C LEU A 97 11.44 -8.56 4.13
N LYS A 98 12.12 -7.46 4.45
CA LYS A 98 12.40 -6.43 3.43
C LYS A 98 13.34 -7.01 2.38
N ASP A 99 14.31 -7.80 2.84
CA ASP A 99 15.23 -8.43 1.89
C ASP A 99 14.45 -9.34 0.94
N ILE A 100 13.52 -10.11 1.49
CA ILE A 100 12.71 -10.99 0.65
C ILE A 100 11.89 -10.16 -0.34
N THR A 101 11.37 -9.02 0.11
CA THR A 101 10.58 -8.16 -0.77
C THR A 101 11.42 -7.72 -1.97
N ARG A 102 12.67 -7.30 -1.70
CA ARG A 102 13.55 -6.85 -2.77
C ARG A 102 13.98 -8.02 -3.66
N GLU A 103 14.14 -9.19 -3.05
CA GLU A 103 14.52 -10.38 -3.78
C GLU A 103 13.44 -10.74 -4.80
N VAL A 104 12.19 -10.76 -4.36
CA VAL A 104 11.05 -11.10 -5.21
C VAL A 104 10.96 -10.13 -6.40
N ALA A 105 11.05 -8.85 -6.11
CA ALA A 105 11.01 -7.84 -7.16
C ALA A 105 12.16 -8.02 -8.13
N SER A 106 13.31 -8.51 -7.66
CA SER A 106 14.44 -8.67 -8.58
C SER A 106 14.28 -9.94 -9.42
N LYS A 107 13.50 -10.89 -8.92
CA LYS A 107 13.30 -12.13 -9.64
C LYS A 107 12.08 -12.18 -10.55
N GLY A 108 11.53 -11.01 -10.90
CA GLY A 108 10.41 -10.95 -11.83
C GLY A 108 8.95 -10.87 -11.38
N HIS A 109 8.68 -10.54 -10.12
CA HIS A 109 7.30 -10.42 -9.67
C HIS A 109 7.23 -9.25 -8.73
N VAL A 110 6.07 -8.63 -8.64
CA VAL A 110 5.88 -7.54 -7.71
C VAL A 110 5.46 -8.17 -6.39
N PRO A 111 6.26 -8.00 -5.32
CA PRO A 111 5.97 -8.56 -4.01
C PRO A 111 4.75 -7.94 -3.30
N SER A 112 3.92 -8.77 -2.67
CA SER A 112 2.74 -8.29 -1.97
C SER A 112 2.39 -9.18 -0.77
N VAL A 113 1.59 -8.61 0.12
CA VAL A 113 1.01 -9.30 1.26
C VAL A 113 -0.36 -8.63 1.24
N HIS A 114 -1.30 -9.06 2.07
CA HIS A 114 -2.62 -8.45 2.01
C HIS A 114 -3.37 -8.54 3.34
N GLY A 115 -4.46 -7.79 3.42
CA GLY A 115 -5.31 -7.84 4.59
C GLY A 115 -6.71 -7.87 3.99
N ASP A 116 -7.73 -7.54 4.80
CA ASP A 116 -9.10 -7.46 4.29
C ASP A 116 -9.92 -6.44 5.08
N HIS A 117 -11.18 -6.26 4.70
CA HIS A 117 -12.04 -5.28 5.35
C HIS A 117 -12.49 -5.74 6.72
N SER A 118 -12.83 -7.01 6.84
CA SER A 118 -13.28 -7.55 8.11
C SER A 118 -12.24 -7.50 9.22
N SER A 119 -10.99 -7.88 8.93
CA SER A 119 -9.94 -7.91 9.96
C SER A 119 -8.71 -7.08 9.67
N ASP A 120 -8.78 -6.20 8.68
CA ASP A 120 -7.63 -5.37 8.32
C ASP A 120 -6.42 -6.25 7.98
N MET A 121 -5.23 -5.90 8.50
CA MET A 121 -4.03 -6.67 8.22
C MET A 121 -4.03 -8.10 8.75
N LEU A 122 -4.98 -8.41 9.63
CA LEU A 122 -5.11 -9.78 10.14
C LEU A 122 -6.08 -10.52 9.23
N GLY A 123 -6.37 -9.91 8.08
CA GLY A 123 -7.26 -10.51 7.11
C GLY A 123 -6.64 -11.58 6.23
N CYS A 124 -5.33 -11.83 6.39
CA CYS A 124 -4.68 -12.89 5.63
C CYS A 124 -4.64 -14.06 6.60
N GLY A 125 -5.42 -15.09 6.32
CA GLY A 125 -5.47 -16.23 7.21
C GLY A 125 -4.14 -16.93 7.44
N PHE A 126 -3.29 -16.94 6.42
CA PHE A 126 -2.00 -17.60 6.56
C PHE A 126 -1.17 -16.88 7.59
N PHE A 127 -1.03 -15.57 7.47
CA PHE A 127 -0.22 -14.84 8.42
C PHE A 127 -0.76 -14.94 9.84
N LYS A 128 -2.08 -14.83 9.99
CA LYS A 128 -2.70 -14.91 11.30
C LYS A 128 -2.36 -16.25 11.95
N LEU A 129 -2.41 -17.33 11.16
CA LEU A 129 -2.05 -18.65 11.68
C LEU A 129 -0.57 -18.64 12.11
N TRP A 130 0.29 -18.07 11.28
CA TRP A 130 1.72 -18.01 11.57
C TRP A 130 1.98 -17.19 12.84
N LEU A 131 1.38 -16.01 12.89
CA LEU A 131 1.55 -15.13 14.03
C LEU A 131 0.98 -15.75 15.31
N THR A 132 -0.12 -16.48 15.20
CA THR A 132 -0.72 -17.04 16.41
C THR A 132 -0.15 -18.39 16.86
N GLY A 133 0.96 -18.79 16.25
CA GLY A 133 1.60 -20.03 16.63
C GLY A 133 0.94 -21.31 16.16
N ARG A 134 0.04 -21.23 15.19
CA ARG A 134 -0.61 -22.45 14.71
C ARG A 134 0.34 -23.36 13.92
N PHE A 135 1.55 -22.88 13.66
CA PHE A 135 2.55 -23.69 12.96
C PHE A 135 3.61 -24.19 13.96
N ASP A 136 3.40 -23.88 15.24
CA ASP A 136 4.31 -24.31 16.31
C ASP A 136 4.60 -25.80 16.24
N ASP A 137 3.54 -26.59 16.16
CA ASP A 137 3.65 -28.04 16.11
C ASP A 137 4.49 -28.53 14.96
N MET A 138 4.53 -27.77 13.89
CA MET A 138 5.31 -28.17 12.74
C MET A 138 6.76 -27.65 12.81
N GLY A 139 7.13 -27.04 13.94
CA GLY A 139 8.49 -26.55 14.12
C GLY A 139 8.88 -25.24 13.45
N TYR A 140 7.92 -24.36 13.20
CA TYR A 140 8.22 -23.08 12.56
C TYR A 140 8.43 -21.93 13.54
N PRO A 141 9.51 -21.18 13.36
CA PRO A 141 9.75 -20.05 14.27
C PRO A 141 8.70 -18.98 13.94
N ARG A 142 8.02 -18.49 14.98
CA ARG A 142 6.97 -17.48 14.78
C ARG A 142 7.56 -16.17 14.31
N PRO A 143 6.76 -15.37 13.60
CA PRO A 143 7.28 -14.08 13.14
C PRO A 143 7.64 -13.23 14.36
N GLU A 144 8.59 -12.32 14.23
CA GLU A 144 8.96 -11.47 15.36
C GLU A 144 8.42 -10.06 15.15
N PHE A 145 7.27 -9.97 14.49
CA PHE A 145 6.63 -8.70 14.19
C PHE A 145 5.13 -9.01 14.00
N ASP A 146 4.25 -8.02 14.08
CA ASP A 146 2.82 -8.28 13.89
C ASP A 146 2.39 -7.99 12.44
N ALA A 147 1.12 -8.25 12.10
CA ALA A 147 0.64 -8.03 10.73
C ALA A 147 0.78 -6.58 10.24
N ASP A 148 0.62 -5.62 11.15
CA ASP A 148 0.74 -4.22 10.76
C ASP A 148 2.18 -3.88 10.38
N GLN A 149 3.12 -4.30 11.23
CA GLN A 149 4.53 -4.03 10.97
C GLN A 149 5.00 -4.71 9.70
N GLY A 150 4.55 -5.94 9.49
CA GLY A 150 4.96 -6.67 8.31
C GLY A 150 4.49 -6.03 7.02
N ALA A 151 3.21 -5.66 6.99
CA ALA A 151 2.65 -5.05 5.80
C ALA A 151 3.36 -3.75 5.47
N LEU A 152 3.61 -2.94 6.49
CA LEU A 152 4.27 -1.66 6.27
C LEU A 152 5.71 -1.80 5.84
N ALA A 153 6.37 -2.85 6.31
CA ALA A 153 7.77 -3.10 5.94
C ALA A 153 7.80 -3.51 4.45
N VAL A 154 6.87 -4.38 4.05
CA VAL A 154 6.80 -4.80 2.63
C VAL A 154 6.56 -3.56 1.77
N ARG A 155 5.59 -2.74 2.16
CA ARG A 155 5.30 -1.53 1.40
C ARG A 155 6.55 -0.65 1.32
N ALA A 156 7.18 -0.37 2.47
CA ALA A 156 8.36 0.49 2.50
C ALA A 156 9.50 -0.04 1.65
N ALA A 157 9.53 -1.35 1.47
CA ALA A 157 10.58 -1.96 0.67
C ALA A 157 10.20 -2.02 -0.81
N GLY A 158 9.07 -1.41 -1.17
CA GLY A 158 8.63 -1.41 -2.56
C GLY A 158 7.55 -2.41 -2.93
N GLY A 159 7.07 -3.19 -1.98
CA GLY A 159 6.04 -4.15 -2.30
C GLY A 159 4.66 -3.52 -2.27
N VAL A 160 3.65 -4.35 -2.47
CA VAL A 160 2.26 -3.92 -2.50
C VAL A 160 1.47 -4.49 -1.34
N ILE A 161 0.45 -3.73 -0.89
CA ILE A 161 -0.44 -4.22 0.15
C ILE A 161 -1.78 -4.35 -0.56
N GLU A 162 -2.27 -5.57 -0.71
CA GLU A 162 -3.54 -5.79 -1.37
C GLU A 162 -4.65 -5.88 -0.31
N MET A 163 -5.89 -5.60 -0.72
CA MET A 163 -7.00 -5.67 0.22
C MET A 163 -8.18 -6.47 -0.31
N HIS A 164 -8.47 -7.58 0.34
CA HIS A 164 -9.59 -8.42 -0.05
C HIS A 164 -10.87 -7.96 0.63
N HIS A 165 -11.98 -8.58 0.26
CA HIS A 165 -13.29 -8.29 0.86
C HIS A 165 -14.15 -9.54 0.72
N GLY A 166 -15.33 -9.52 1.35
CA GLY A 166 -16.23 -10.65 1.28
C GLY A 166 -15.77 -11.78 2.17
N SER A 167 -16.47 -12.90 2.10
CA SER A 167 -16.08 -14.04 2.92
C SER A 167 -15.46 -15.13 2.07
N HIS A 168 -14.77 -16.04 2.77
CA HIS A 168 -14.09 -17.19 2.16
C HIS A 168 -15.09 -18.23 1.69
N GLU A 169 -15.10 -18.48 0.38
CA GLU A 169 -16.03 -19.43 -0.22
C GLU A 169 -15.35 -20.41 -1.17
N GLU A 170 -14.10 -20.75 -0.88
CA GLU A 170 -13.35 -21.66 -1.74
C GLU A 170 -14.00 -23.05 -1.83
N LYS A 171 -14.19 -23.55 -3.05
CA LYS A 171 -14.80 -24.86 -3.27
C LYS A 171 -13.75 -25.94 -3.52
N VAL A 172 -12.55 -25.51 -3.90
CA VAL A 172 -11.48 -26.45 -4.18
C VAL A 172 -10.10 -25.79 -4.13
N VAL A 173 -9.07 -26.63 -4.06
CA VAL A 173 -7.69 -26.17 -4.02
C VAL A 173 -6.95 -26.63 -5.27
N TYR A 174 -6.32 -25.68 -5.95
CA TYR A 174 -5.53 -25.99 -7.14
C TYR A 174 -4.04 -25.90 -6.78
N ILE A 175 -3.32 -26.98 -7.01
CA ILE A 175 -1.89 -27.03 -6.76
C ILE A 175 -1.29 -27.08 -8.15
N ASN A 176 -0.94 -25.91 -8.66
CA ASN A 176 -0.39 -25.83 -10.00
C ASN A 176 1.11 -26.11 -10.05
N LEU A 177 1.47 -27.11 -10.86
CA LEU A 177 2.85 -27.48 -11.02
C LEU A 177 3.35 -27.14 -12.41
N VAL A 178 2.58 -26.33 -13.16
CA VAL A 178 3.00 -25.95 -14.51
C VAL A 178 3.85 -24.68 -14.35
N SER A 179 5.17 -24.80 -14.52
CA SER A 179 6.04 -23.64 -14.34
C SER A 179 5.77 -22.47 -15.28
N GLY A 180 5.90 -21.27 -14.73
CA GLY A 180 5.69 -20.05 -15.49
C GLY A 180 4.22 -19.71 -15.75
N MET A 181 3.31 -20.48 -15.15
N MET A 181 3.31 -20.47 -15.15
CA MET A 181 1.88 -20.26 -15.36
CA MET A 181 1.89 -20.22 -15.35
C MET A 181 1.17 -20.09 -14.01
C MET A 181 1.16 -20.10 -14.02
N THR A 182 -0.05 -19.56 -14.06
CA THR A 182 -0.84 -19.38 -12.85
C THR A 182 -2.33 -19.39 -13.19
N LEU A 183 -3.14 -19.37 -12.15
CA LEU A 183 -4.60 -19.35 -12.24
C LEU A 183 -5.01 -18.11 -11.46
N GLU A 184 -6.16 -17.55 -11.82
CA GLU A 184 -6.64 -16.34 -11.18
C GLU A 184 -7.85 -16.55 -10.29
N PRO A 185 -8.02 -15.67 -9.31
CA PRO A 185 -9.16 -15.77 -8.39
C PRO A 185 -10.48 -15.53 -9.13
N ASN A 186 -11.53 -16.16 -8.63
CA ASN A 186 -12.88 -15.94 -9.17
C ASN A 186 -13.72 -15.80 -7.92
N GLU A 187 -14.04 -14.56 -7.54
CA GLU A 187 -14.80 -14.36 -6.32
C GLU A 187 -16.19 -14.97 -6.29
N HIS A 188 -16.75 -15.29 -7.46
CA HIS A 188 -18.09 -15.87 -7.53
C HIS A 188 -18.09 -17.38 -7.61
N ASP A 189 -16.92 -17.96 -7.89
CA ASP A 189 -16.77 -19.41 -7.97
C ASP A 189 -15.35 -19.63 -7.45
N GLN A 190 -15.19 -19.36 -6.16
CA GLN A 190 -13.90 -19.42 -5.47
C GLN A 190 -13.10 -20.70 -5.36
N ARG A 191 -11.77 -20.52 -5.41
CA ARG A 191 -10.82 -21.62 -5.26
C ARG A 191 -9.49 -21.13 -4.68
N PHE A 192 -8.80 -21.98 -3.93
CA PHE A 192 -7.49 -21.63 -3.41
C PHE A 192 -6.55 -22.03 -4.54
N ILE A 193 -5.54 -21.21 -4.79
CA ILE A 193 -4.58 -21.50 -5.86
C ILE A 193 -3.18 -21.49 -5.26
N VAL A 194 -2.44 -22.57 -5.49
CA VAL A 194 -1.07 -22.70 -4.97
C VAL A 194 -0.10 -22.99 -6.11
N ASP A 195 0.76 -22.04 -6.44
CA ASP A 195 1.72 -22.26 -7.52
C ASP A 195 2.96 -22.92 -6.94
N GLY A 196 2.93 -24.25 -6.91
CA GLY A 196 4.03 -25.03 -6.35
C GLY A 196 5.37 -24.81 -7.04
N TRP A 197 5.35 -24.65 -8.35
CA TRP A 197 6.58 -24.44 -9.09
C TRP A 197 7.31 -23.17 -8.62
N ALA A 198 6.54 -22.20 -8.13
CA ALA A 198 7.12 -20.95 -7.68
C ALA A 198 8.04 -21.17 -6.48
N ALA A 199 7.77 -22.23 -5.72
CA ALA A 199 8.61 -22.54 -4.58
C ALA A 199 10.02 -22.92 -5.07
N SER A 200 10.09 -23.70 -6.17
CA SER A 200 11.37 -24.13 -6.76
C SER A 200 12.11 -22.88 -7.17
N LYS A 201 11.39 -21.99 -7.84
CA LYS A 201 12.00 -20.77 -8.32
C LYS A 201 12.71 -20.00 -7.21
N PHE A 202 12.09 -19.94 -6.03
CA PHE A 202 12.69 -19.21 -4.93
C PHE A 202 13.55 -20.08 -4.02
N GLY A 203 13.92 -21.26 -4.52
CA GLY A 203 14.77 -22.17 -3.78
C GLY A 203 14.28 -22.61 -2.41
N LEU A 204 12.96 -22.78 -2.29
CA LEU A 204 12.38 -23.20 -1.02
C LEU A 204 12.37 -24.72 -0.91
N ASP A 205 12.14 -25.19 0.31
CA ASP A 205 12.02 -26.63 0.56
C ASP A 205 10.58 -26.87 0.06
N VAL A 206 10.47 -27.35 -1.18
CA VAL A 206 9.19 -27.56 -1.82
C VAL A 206 8.19 -28.43 -1.06
N VAL A 207 8.65 -29.57 -0.55
CA VAL A 207 7.80 -30.46 0.22
C VAL A 207 7.26 -29.71 1.42
N LYS A 208 8.13 -28.98 2.11
CA LYS A 208 7.71 -28.22 3.27
C LYS A 208 6.70 -27.13 2.87
N PHE A 209 6.95 -26.51 1.72
CA PHE A 209 6.07 -25.46 1.23
C PHE A 209 4.66 -25.99 0.96
N LEU A 210 4.58 -27.17 0.35
CA LEU A 210 3.29 -27.77 0.00
C LEU A 210 2.53 -28.26 1.24
N VAL A 211 3.25 -28.89 2.17
CA VAL A 211 2.63 -29.38 3.40
C VAL A 211 2.05 -28.19 4.16
N ALA A 212 2.82 -27.10 4.20
CA ALA A 212 2.41 -25.87 4.86
C ALA A 212 1.14 -25.30 4.21
N ALA A 213 1.08 -25.36 2.88
CA ALA A 213 -0.07 -24.85 2.16
C ALA A 213 -1.28 -25.71 2.44
N ALA A 214 -1.07 -27.03 2.50
CA ALA A 214 -2.18 -27.96 2.76
C ALA A 214 -2.70 -27.70 4.17
N ALA A 215 -1.77 -27.54 5.10
CA ALA A 215 -2.10 -27.30 6.49
C ALA A 215 -2.92 -26.02 6.67
N THR A 216 -2.51 -25.00 5.91
CA THR A 216 -3.18 -23.71 5.95
C THR A 216 -4.65 -23.85 5.57
N VAL A 217 -4.93 -24.58 4.51
CA VAL A 217 -6.32 -24.78 4.11
C VAL A 217 -7.05 -25.45 5.25
N GLU A 218 -6.48 -26.56 5.72
CA GLU A 218 -7.05 -27.34 6.80
C GLU A 218 -7.39 -26.50 8.02
N MET A 219 -6.39 -25.85 8.60
CA MET A 219 -6.58 -25.02 9.78
C MET A 219 -7.54 -23.86 9.57
N LEU A 220 -7.73 -23.45 8.33
CA LEU A 220 -8.66 -22.35 8.07
C LEU A 220 -10.04 -22.93 7.76
N GLY A 221 -10.14 -24.25 7.84
CA GLY A 221 -11.39 -24.95 7.58
C GLY A 221 -11.80 -24.90 6.12
N GLY A 222 -10.80 -24.81 5.24
CA GLY A 222 -11.06 -24.73 3.82
C GLY A 222 -11.42 -26.10 3.30
N PRO A 223 -11.76 -26.22 2.01
CA PRO A 223 -12.12 -27.52 1.43
C PRO A 223 -10.90 -28.41 1.23
N LYS A 224 -10.96 -29.64 1.71
CA LYS A 224 -9.85 -30.55 1.56
C LYS A 224 -10.02 -31.39 0.30
N LYS A 225 -10.13 -30.68 -0.82
CA LYS A 225 -10.30 -31.25 -2.16
C LYS A 225 -9.27 -30.53 -3.03
N ALA A 226 -8.34 -31.28 -3.59
CA ALA A 226 -7.28 -30.68 -4.39
C ALA A 226 -7.14 -31.28 -5.77
N LYS A 227 -6.72 -30.43 -6.68
CA LYS A 227 -6.46 -30.84 -8.05
C LYS A 227 -5.01 -30.39 -8.28
N ILE A 228 -4.16 -31.37 -8.60
CA ILE A 228 -2.74 -31.14 -8.87
C ILE A 228 -2.56 -31.00 -10.38
N VAL A 229 -2.25 -29.78 -10.82
CA VAL A 229 -2.12 -29.50 -12.24
C VAL A 229 -0.71 -29.72 -12.76
N ILE A 230 -0.62 -30.61 -13.76
CA ILE A 230 0.63 -30.97 -14.40
C ILE A 230 0.56 -30.96 -15.94
N PRO A 231 1.70 -30.68 -16.60
CA PRO A 231 1.82 -30.63 -18.07
C PRO A 231 1.31 -31.92 -18.74
N SER B 22 -12.13 32.67 -0.67
CA SER B 22 -12.71 34.04 -0.49
C SER B 22 -11.67 34.93 0.19
N ILE B 23 -10.51 34.37 0.46
CA ILE B 23 -9.42 35.13 1.07
C ILE B 23 -8.70 35.82 -0.10
N THR B 24 -8.18 37.02 0.12
CA THR B 24 -7.53 37.73 -0.98
C THR B 24 -6.01 37.64 -1.01
N PRO B 25 -5.41 37.78 -2.20
CA PRO B 25 -3.96 37.72 -2.40
C PRO B 25 -3.24 38.74 -1.52
N PRO B 26 -3.75 39.98 -1.43
CA PRO B 26 -3.09 40.98 -0.59
C PRO B 26 -3.00 40.48 0.85
N GLN B 27 -4.08 39.85 1.31
CA GLN B 27 -4.14 39.31 2.65
C GLN B 27 -3.07 38.24 2.84
N ILE B 28 -2.98 37.32 1.87
CA ILE B 28 -2.00 36.25 1.95
C ILE B 28 -0.58 36.78 1.88
N VAL B 29 -0.38 37.77 1.02
CA VAL B 29 0.93 38.36 0.87
C VAL B 29 1.39 38.99 2.18
N SER B 30 0.59 39.90 2.73
CA SER B 30 0.98 40.55 3.98
C SER B 30 1.19 39.55 5.10
N ALA B 31 0.33 38.55 5.18
CA ALA B 31 0.45 37.52 6.21
C ALA B 31 1.82 36.84 6.16
N LEU B 32 2.22 36.41 4.96
CA LEU B 32 3.50 35.75 4.78
C LEU B 32 4.66 36.69 5.10
N ARG B 33 4.56 37.94 4.64
CA ARG B 33 5.61 38.92 4.91
C ARG B 33 5.68 39.07 6.42
N GLY B 34 4.51 39.07 7.06
CA GLY B 34 4.43 39.20 8.50
C GLY B 34 5.14 38.08 9.22
N ARG B 35 5.38 36.97 8.51
CA ARG B 35 6.06 35.81 9.09
C ARG B 35 7.49 35.75 8.58
N GLY B 36 7.98 36.87 8.06
CA GLY B 36 9.34 36.91 7.53
C GLY B 36 9.51 36.17 6.21
N TRP B 37 8.42 35.98 5.49
CA TRP B 37 8.48 35.29 4.22
C TRP B 37 8.60 36.28 3.06
N LYS B 38 9.08 35.77 1.93
CA LYS B 38 9.14 36.57 0.72
C LYS B 38 7.95 36.00 -0.08
N ALA B 39 7.12 36.87 -0.63
CA ALA B 39 5.96 36.40 -1.37
C ALA B 39 5.59 37.26 -2.57
N SER B 40 5.30 36.62 -3.70
CA SER B 40 4.90 37.33 -4.91
C SER B 40 3.76 36.62 -5.60
N ILE B 41 3.10 37.36 -6.49
CA ILE B 41 1.97 36.86 -7.26
C ILE B 41 2.42 36.31 -8.61
N VAL B 42 1.65 35.37 -9.14
CA VAL B 42 1.90 34.79 -10.44
C VAL B 42 0.54 34.54 -11.06
N LYS B 43 0.31 35.11 -12.24
CA LYS B 43 -0.97 34.94 -12.93
C LYS B 43 -1.02 33.55 -13.52
N ALA B 44 -2.14 32.85 -13.31
CA ALA B 44 -2.31 31.49 -13.83
C ALA B 44 -2.08 31.39 -15.34
N SER B 45 -2.47 32.44 -16.08
CA SER B 45 -2.30 32.45 -17.53
C SER B 45 -0.82 32.43 -17.95
N THR B 46 0.06 32.96 -17.11
CA THR B 46 1.47 32.95 -17.46
C THR B 46 2.12 31.61 -17.10
N MET B 47 1.32 30.70 -16.56
CA MET B 47 1.80 29.37 -16.17
C MET B 47 1.05 28.30 -16.97
N SER B 48 0.65 28.63 -18.20
CA SER B 48 -0.08 27.73 -19.06
C SER B 48 0.22 26.23 -18.89
N SER B 49 1.41 25.79 -19.29
CA SER B 49 1.76 24.38 -19.20
C SER B 49 2.02 23.84 -17.79
N GLU B 50 2.68 24.63 -16.93
CA GLU B 50 2.97 24.21 -15.56
C GLU B 50 1.69 23.76 -14.86
N LEU B 51 0.67 24.61 -14.87
CA LEU B 51 -0.60 24.29 -14.24
C LEU B 51 -1.27 23.14 -14.97
N LYS B 52 -1.36 21.99 -14.32
CA LYS B 52 -2.01 20.84 -14.94
C LYS B 52 -3.44 20.76 -14.42
N ARG B 53 -4.35 20.35 -15.29
CA ARG B 53 -5.75 20.20 -14.90
C ARG B 53 -5.81 18.94 -14.02
N VAL B 54 -6.60 19.01 -12.95
CA VAL B 54 -6.72 17.88 -12.04
C VAL B 54 -7.33 16.63 -12.66
N ASP B 55 -6.74 15.47 -12.34
CA ASP B 55 -7.24 14.19 -12.84
C ASP B 55 -7.87 13.44 -11.66
N PRO B 56 -9.18 13.15 -11.72
CA PRO B 56 -9.95 12.44 -10.68
C PRO B 56 -9.26 11.20 -10.13
N GLN B 57 -8.41 10.60 -10.96
CA GLN B 57 -7.70 9.39 -10.53
C GLN B 57 -6.34 9.70 -9.91
N GLY B 58 -5.99 10.98 -9.82
CA GLY B 58 -4.73 11.36 -9.22
C GLY B 58 -4.91 11.30 -7.70
N ILE B 59 -3.85 10.99 -6.97
CA ILE B 59 -3.98 10.95 -5.54
C ILE B 59 -3.88 12.36 -4.93
N LEU B 60 -4.73 12.62 -3.95
CA LEU B 60 -4.64 13.89 -3.23
C LEU B 60 -3.49 13.51 -2.32
N LYS B 61 -2.34 14.14 -2.52
CA LYS B 61 -1.13 13.83 -1.79
C LYS B 61 -0.49 15.02 -1.09
N CYS B 62 0.62 14.73 -0.43
CA CYS B 62 1.33 15.72 0.33
C CYS B 62 2.03 16.77 -0.51
N VAL B 63 2.25 17.94 0.10
CA VAL B 63 2.92 19.08 -0.51
C VAL B 63 4.42 18.78 -0.72
N ASP B 64 4.90 17.69 -0.12
CA ASP B 64 6.31 17.23 -0.21
C ASP B 64 6.84 17.43 -1.63
N GLY B 65 8.07 17.93 -1.76
CA GLY B 65 8.63 18.16 -3.08
C GLY B 65 9.51 17.09 -3.71
N ARG B 66 9.77 16.01 -2.97
CA ARG B 66 10.63 14.94 -3.44
C ARG B 66 9.98 13.95 -4.40
N GLY B 67 10.82 13.16 -5.08
CA GLY B 67 10.33 12.14 -5.98
C GLY B 67 9.69 11.07 -5.11
N SER B 68 8.93 10.19 -5.72
CA SER B 68 8.26 9.12 -4.99
C SER B 68 7.84 8.06 -6.01
N ASP B 69 7.26 6.96 -5.52
CA ASP B 69 6.83 5.90 -6.43
C ASP B 69 5.38 6.13 -6.92
N ASN B 70 4.88 7.35 -6.76
CA ASN B 70 3.51 7.67 -7.20
C ASN B 70 3.36 7.50 -8.72
N THR B 71 2.26 6.89 -9.13
CA THR B 71 2.00 6.68 -10.55
C THR B 71 0.63 7.27 -10.88
N GLN B 72 -0.06 7.75 -9.85
CA GLN B 72 -1.39 8.35 -9.98
C GLN B 72 -1.26 9.86 -9.86
N PHE B 73 -0.88 10.49 -10.96
CA PHE B 73 -0.66 11.94 -11.00
C PHE B 73 -1.89 12.82 -11.18
N GLY B 74 -1.66 14.12 -11.03
CA GLY B 74 -2.71 15.12 -11.21
C GLY B 74 -3.71 15.31 -10.10
N GLY B 75 -3.36 14.87 -8.89
CA GLY B 75 -4.25 15.04 -7.76
C GLY B 75 -3.87 16.28 -6.99
N PRO B 76 -4.75 16.78 -6.11
CA PRO B 76 -4.51 17.98 -5.31
C PRO B 76 -3.43 17.75 -4.25
N LYS B 77 -2.71 18.82 -3.91
CA LYS B 77 -1.64 18.75 -2.92
C LYS B 77 -2.03 19.44 -1.60
N MET B 78 -1.93 18.71 -0.49
CA MET B 78 -2.24 19.23 0.83
C MET B 78 -1.21 18.66 1.82
N PRO B 79 -0.96 19.36 2.93
CA PRO B 79 0.02 18.85 3.90
C PRO B 79 -0.36 17.45 4.43
N GLY B 80 0.54 16.49 4.25
CA GLY B 80 0.28 15.12 4.70
C GLY B 80 -0.87 14.43 3.98
N GLY B 81 -1.18 14.90 2.78
CA GLY B 81 -2.26 14.28 2.03
C GLY B 81 -3.59 14.55 2.76
N ILE B 82 -4.38 13.52 2.98
CA ILE B 82 -5.66 13.75 3.64
C ILE B 82 -5.48 14.12 5.10
N TYR B 83 -4.26 14.01 5.61
CA TYR B 83 -4.01 14.38 7.00
C TYR B 83 -4.32 15.86 7.22
N ALA B 84 -4.15 16.67 6.18
CA ALA B 84 -4.43 18.11 6.28
C ALA B 84 -5.89 18.32 6.67
N ILE B 85 -6.77 17.49 6.14
CA ILE B 85 -8.21 17.60 6.44
C ILE B 85 -8.48 17.23 7.88
N ALA B 86 -7.96 16.10 8.33
CA ALA B 86 -8.14 15.65 9.72
C ALA B 86 -7.52 16.65 10.70
N HIS B 87 -6.35 17.16 10.35
CA HIS B 87 -5.65 18.13 11.21
C HIS B 87 -6.43 19.43 11.37
N ASN B 88 -6.89 19.97 10.25
CA ASN B 88 -7.64 21.23 10.26
C ASN B 88 -8.97 21.10 11.01
N ARG B 89 -9.61 19.94 10.88
CA ARG B 89 -10.90 19.67 11.53
C ARG B 89 -10.77 19.18 12.96
N GLY B 90 -9.56 18.79 13.36
CA GLY B 90 -9.38 18.30 14.70
C GLY B 90 -9.92 16.88 14.84
N VAL B 91 -9.92 16.13 13.73
CA VAL B 91 -10.37 14.74 13.74
C VAL B 91 -9.12 13.97 14.12
N THR B 92 -9.18 13.28 15.26
CA THR B 92 -8.02 12.58 15.79
C THR B 92 -8.06 11.06 15.92
N THR B 93 -9.13 10.42 15.48
CA THR B 93 -9.24 8.97 15.60
C THR B 93 -9.12 8.25 14.26
N LEU B 94 -8.78 6.97 14.33
CA LEU B 94 -8.65 6.16 13.13
C LEU B 94 -9.98 6.08 12.35
N GLU B 95 -11.09 5.88 13.07
CA GLU B 95 -12.38 5.82 12.40
C GLU B 95 -12.65 7.15 11.67
N GLY B 96 -12.27 8.24 12.31
CA GLY B 96 -12.45 9.55 11.72
C GLY B 96 -11.61 9.70 10.47
N LEU B 97 -10.39 9.15 10.50
CA LEU B 97 -9.48 9.21 9.36
C LEU B 97 -10.02 8.38 8.21
N LYS B 98 -10.63 7.24 8.53
CA LYS B 98 -11.18 6.40 7.49
C LYS B 98 -12.36 7.09 6.81
N ASP B 99 -13.17 7.80 7.59
CA ASP B 99 -14.32 8.53 7.01
C ASP B 99 -13.80 9.59 6.05
N ILE B 100 -12.80 10.34 6.48
CA ILE B 100 -12.23 11.38 5.64
C ILE B 100 -11.69 10.71 4.37
N THR B 101 -11.08 9.54 4.55
CA THR B 101 -10.54 8.82 3.40
C THR B 101 -11.68 8.57 2.39
N ARG B 102 -12.84 8.15 2.89
CA ARG B 102 -13.99 7.86 2.04
C ARG B 102 -14.63 9.13 1.45
N GLU B 103 -14.63 10.20 2.25
CA GLU B 103 -15.19 11.48 1.84
C GLU B 103 -14.38 11.97 0.64
N VAL B 104 -13.06 11.98 0.81
CA VAL B 104 -12.14 12.42 -0.24
C VAL B 104 -12.40 11.60 -1.50
N ALA B 105 -12.54 10.29 -1.32
CA ALA B 105 -12.80 9.38 -2.43
C ALA B 105 -14.06 9.79 -3.20
N SER B 106 -15.14 10.03 -2.46
CA SER B 106 -16.41 10.41 -3.09
C SER B 106 -16.41 11.80 -3.68
N LYS B 107 -15.32 12.55 -3.55
CA LYS B 107 -15.30 13.89 -4.09
C LYS B 107 -14.40 14.07 -5.30
N GLY B 108 -14.03 12.95 -5.93
CA GLY B 108 -13.21 13.03 -7.14
C GLY B 108 -11.71 12.99 -7.00
N HIS B 109 -11.24 12.37 -5.92
CA HIS B 109 -9.81 12.26 -5.70
C HIS B 109 -9.51 10.94 -5.02
N VAL B 110 -8.32 10.40 -5.26
CA VAL B 110 -7.93 9.17 -4.60
C VAL B 110 -7.12 9.60 -3.38
N PRO B 111 -7.63 9.31 -2.16
CA PRO B 111 -6.94 9.69 -0.91
C PRO B 111 -5.63 8.96 -0.67
N SER B 112 -4.68 9.68 -0.08
CA SER B 112 -3.40 9.07 0.22
C SER B 112 -2.71 9.80 1.36
N VAL B 113 -1.70 9.11 1.89
CA VAL B 113 -0.79 9.62 2.91
C VAL B 113 0.51 9.00 2.40
N HIS B 114 1.63 9.28 3.05
CA HIS B 114 2.88 8.74 2.52
C HIS B 114 3.98 8.64 3.56
N GLY B 115 5.02 7.89 3.20
CA GLY B 115 6.20 7.75 4.04
C GLY B 115 7.37 7.96 3.08
N ASP B 116 8.57 7.54 3.49
CA ASP B 116 9.75 7.62 2.62
C ASP B 116 10.68 6.47 2.98
N HIS B 117 11.72 6.26 2.18
CA HIS B 117 12.65 5.15 2.41
C HIS B 117 13.46 5.32 3.68
N SER B 118 13.90 6.55 3.92
CA SER B 118 14.70 6.83 5.09
C SER B 118 14.02 6.44 6.41
N SER B 119 12.84 7.00 6.68
CA SER B 119 12.18 6.68 7.94
C SER B 119 10.77 6.08 7.89
N ASP B 120 10.48 5.37 6.81
CA ASP B 120 9.16 4.75 6.63
C ASP B 120 8.00 5.72 6.87
N MET B 121 6.95 5.29 7.58
CA MET B 121 5.78 6.15 7.77
C MET B 121 6.04 7.46 8.49
N LEU B 122 7.23 7.61 9.06
CA LEU B 122 7.59 8.85 9.72
C LEU B 122 8.22 9.77 8.66
N GLY B 123 8.22 9.29 7.41
CA GLY B 123 8.78 10.05 6.30
C GLY B 123 7.97 11.27 5.86
N CYS B 124 6.76 11.45 6.39
CA CYS B 124 5.96 12.63 6.05
C CYS B 124 6.18 13.67 7.14
N GLY B 125 6.89 14.74 6.78
CA GLY B 125 7.21 15.79 7.73
C GLY B 125 6.01 16.39 8.45
N PHE B 126 4.93 16.61 7.71
CA PHE B 126 3.75 17.19 8.32
C PHE B 126 3.17 16.33 9.42
N PHE B 127 2.90 15.04 9.13
CA PHE B 127 2.33 14.20 10.17
C PHE B 127 3.28 14.06 11.37
N LYS B 128 4.57 14.00 11.09
CA LYS B 128 5.57 13.89 12.14
C LYS B 128 5.44 15.10 13.07
N LEU B 129 5.24 16.28 12.49
CA LEU B 129 5.09 17.48 13.28
C LEU B 129 3.85 17.36 14.16
N TRP B 130 2.74 16.93 13.55
CA TRP B 130 1.48 16.78 14.28
C TRP B 130 1.65 15.75 15.41
N LEU B 131 2.15 14.57 15.08
CA LEU B 131 2.34 13.52 16.06
C LEU B 131 3.32 13.83 17.19
N THR B 132 4.38 14.58 16.92
CA THR B 132 5.34 14.87 17.98
C THR B 132 4.81 15.95 18.93
N GLY B 133 3.81 16.70 18.48
CA GLY B 133 3.21 17.75 19.30
C GLY B 133 3.65 19.16 18.94
N ARG B 134 4.26 19.32 17.77
CA ARG B 134 4.74 20.62 17.33
C ARG B 134 3.63 21.63 16.97
N PHE B 135 2.37 21.18 17.00
CA PHE B 135 1.24 22.07 16.75
C PHE B 135 0.48 22.35 18.06
N ASP B 136 1.03 21.88 19.19
CA ASP B 136 0.42 22.10 20.50
C ASP B 136 0.25 23.61 20.71
N ASP B 137 1.31 24.33 20.38
CA ASP B 137 1.38 25.78 20.45
C ASP B 137 0.21 26.46 19.75
N MET B 138 -0.19 25.89 18.63
CA MET B 138 -1.26 26.45 17.84
C MET B 138 -2.64 25.92 18.15
N GLY B 139 -2.81 25.34 19.34
CA GLY B 139 -4.10 24.83 19.77
C GLY B 139 -4.66 23.55 19.18
N TYR B 140 -3.83 22.82 18.43
CA TYR B 140 -4.29 21.57 17.84
C TYR B 140 -4.26 20.34 18.76
N PRO B 141 -5.28 19.48 18.68
CA PRO B 141 -5.29 18.29 19.52
C PRO B 141 -4.39 17.26 18.81
N ARG B 142 -3.72 16.41 19.59
CA ARG B 142 -2.83 15.37 19.05
C ARG B 142 -3.62 14.26 18.34
N PRO B 143 -3.00 13.62 17.35
CA PRO B 143 -3.72 12.53 16.68
C PRO B 143 -3.72 11.41 17.72
N GLU B 144 -4.72 10.53 17.71
CA GLU B 144 -4.73 9.47 18.72
C GLU B 144 -4.07 8.18 18.24
N PHE B 145 -3.43 8.25 17.07
CA PHE B 145 -2.77 7.08 16.47
C PHE B 145 -1.36 7.44 15.99
N ASP B 146 -0.52 6.44 15.76
CA ASP B 146 0.84 6.71 15.25
C ASP B 146 0.85 6.64 13.72
N ALA B 147 2.01 6.91 13.14
CA ALA B 147 2.14 6.92 11.69
C ALA B 147 1.74 5.61 11.02
N ASP B 148 2.14 4.49 11.62
CA ASP B 148 1.81 3.17 11.06
C ASP B 148 0.31 2.91 11.06
N GLN B 149 -0.33 3.16 12.20
CA GLN B 149 -1.76 2.96 12.34
C GLN B 149 -2.53 3.82 11.35
N GLY B 150 -2.12 5.07 11.20
CA GLY B 150 -2.79 5.96 10.26
C GLY B 150 -2.73 5.42 8.83
N ALA B 151 -1.52 5.17 8.35
CA ALA B 151 -1.33 4.67 6.99
C ALA B 151 -2.18 3.44 6.70
N LEU B 152 -2.14 2.45 7.59
CA LEU B 152 -2.90 1.22 7.40
C LEU B 152 -4.41 1.47 7.43
N ALA B 153 -4.85 2.43 8.24
CA ALA B 153 -6.27 2.74 8.30
C ALA B 153 -6.70 3.36 6.96
N VAL B 154 -5.85 4.22 6.39
CA VAL B 154 -6.15 4.86 5.11
C VAL B 154 -6.23 3.80 4.01
N ARG B 155 -5.20 2.96 3.95
CA ARG B 155 -5.14 1.89 2.96
C ARG B 155 -6.37 1.01 3.12
N ALA B 156 -6.64 0.58 4.36
CA ALA B 156 -7.79 -0.28 4.62
C ALA B 156 -9.11 0.35 4.16
N ALA B 157 -9.21 1.68 4.30
CA ALA B 157 -10.41 2.40 3.89
C ALA B 157 -10.45 2.59 2.38
N GLY B 158 -9.49 1.98 1.69
CA GLY B 158 -9.44 2.10 0.25
C GLY B 158 -8.50 3.17 -0.28
N GLY B 159 -7.74 3.83 0.59
CA GLY B 159 -6.82 4.86 0.13
C GLY B 159 -5.45 4.32 -0.28
N VAL B 160 -4.55 5.23 -0.63
CA VAL B 160 -3.20 4.89 -1.07
C VAL B 160 -2.07 5.32 -0.14
N ILE B 161 -1.04 4.48 -0.03
CA ILE B 161 0.11 4.82 0.77
C ILE B 161 1.22 5.06 -0.25
N GLU B 162 1.65 6.31 -0.40
CA GLU B 162 2.69 6.68 -1.33
C GLU B 162 4.06 6.59 -0.65
N MET B 163 5.11 6.31 -1.41
CA MET B 163 6.46 6.20 -0.84
C MET B 163 7.48 7.11 -1.53
N HIS B 164 7.97 8.08 -0.79
CA HIS B 164 8.96 9.02 -1.31
C HIS B 164 10.36 8.49 -1.11
N HIS B 165 11.33 9.16 -1.73
CA HIS B 165 12.74 8.80 -1.60
C HIS B 165 13.60 10.04 -1.73
N GLY B 166 14.86 9.94 -1.31
CA GLY B 166 15.76 11.05 -1.40
C GLY B 166 15.60 12.10 -0.32
N SER B 167 16.29 13.22 -0.45
CA SER B 167 16.21 14.27 0.54
C SER B 167 15.44 15.50 0.03
N HIS B 168 14.97 16.31 0.97
CA HIS B 168 14.23 17.53 0.68
C HIS B 168 15.13 18.61 0.06
N GLU B 169 14.80 19.04 -1.15
CA GLU B 169 15.58 20.06 -1.82
C GLU B 169 14.67 21.19 -2.27
N GLU B 170 13.48 21.29 -1.65
CA GLU B 170 12.52 22.34 -2.02
C GLU B 170 13.19 23.72 -2.08
N LYS B 171 12.98 24.42 -3.19
CA LYS B 171 13.56 25.74 -3.41
C LYS B 171 12.56 26.87 -3.19
N VAL B 172 11.28 26.57 -3.37
CA VAL B 172 10.25 27.57 -3.19
C VAL B 172 8.91 26.89 -2.90
N VAL B 173 7.94 27.69 -2.48
CA VAL B 173 6.62 27.19 -2.18
C VAL B 173 5.58 27.84 -3.08
N TYR B 174 4.78 27.02 -3.75
CA TYR B 174 3.71 27.53 -4.58
C TYR B 174 2.43 27.37 -3.80
N ILE B 175 1.62 28.43 -3.76
CA ILE B 175 0.33 28.37 -3.09
C ILE B 175 -0.65 28.61 -4.23
N ASN B 176 -1.24 27.52 -4.72
CA ASN B 176 -2.15 27.61 -5.85
C ASN B 176 -3.61 27.83 -5.48
N LEU B 177 -4.16 28.94 -5.95
CA LEU B 177 -5.55 29.29 -5.69
C LEU B 177 -6.43 29.02 -6.93
N VAL B 178 -5.85 28.43 -7.96
CA VAL B 178 -6.60 28.13 -9.18
C VAL B 178 -7.25 26.74 -9.05
N SER B 179 -8.52 26.71 -8.66
CA SER B 179 -9.22 25.43 -8.45
C SER B 179 -9.30 24.51 -9.68
N GLY B 180 -9.29 23.21 -9.42
CA GLY B 180 -9.36 22.22 -10.49
C GLY B 180 -8.02 22.03 -11.16
N MET B 181 -7.04 22.82 -10.72
CA MET B 181 -5.69 22.76 -11.27
C MET B 181 -4.70 22.50 -10.15
N THR B 182 -3.54 21.93 -10.49
CA THR B 182 -2.50 21.66 -9.50
C THR B 182 -1.13 21.84 -10.16
N LEU B 183 -0.07 21.65 -9.39
CA LEU B 183 1.29 21.73 -9.90
C LEU B 183 1.89 20.40 -9.50
N GLU B 184 2.80 19.86 -10.31
CA GLU B 184 3.39 18.57 -10.02
C GLU B 184 4.80 18.66 -9.50
N PRO B 185 5.22 17.63 -8.75
CA PRO B 185 6.57 17.55 -8.18
C PRO B 185 7.60 17.35 -9.28
N ASN B 186 8.83 17.72 -8.98
CA ASN B 186 9.95 17.56 -9.90
C ASN B 186 11.11 17.29 -8.95
N GLU B 187 11.46 16.02 -8.78
CA GLU B 187 12.53 15.66 -7.86
C GLU B 187 13.88 16.35 -8.09
N HIS B 188 14.13 16.82 -9.30
CA HIS B 188 15.40 17.49 -9.62
C HIS B 188 15.38 19.01 -9.56
N ASP B 189 14.20 19.60 -9.36
CA ASP B 189 14.03 21.05 -9.25
C ASP B 189 12.78 21.15 -8.40
N GLN B 190 12.96 20.76 -7.15
CA GLN B 190 11.90 20.68 -6.16
C GLN B 190 11.28 21.97 -5.67
N ARG B 191 10.04 21.82 -5.21
CA ARG B 191 9.27 22.91 -4.68
C ARG B 191 8.10 22.35 -3.84
N PHE B 192 7.66 23.12 -2.86
CA PHE B 192 6.52 22.69 -2.07
C PHE B 192 5.31 23.19 -2.83
N ILE B 193 4.26 22.37 -2.91
CA ILE B 193 3.05 22.77 -3.62
C ILE B 193 1.83 22.63 -2.74
N VAL B 194 1.10 23.72 -2.58
CA VAL B 194 -0.10 23.74 -1.76
C VAL B 194 -1.30 24.23 -2.57
N ASP B 195 -2.30 23.36 -2.71
CA ASP B 195 -3.51 23.71 -3.42
C ASP B 195 -4.50 24.28 -2.40
N GLY B 196 -4.41 25.59 -2.19
CA GLY B 196 -5.29 26.27 -1.24
C GLY B 196 -6.75 26.14 -1.59
N TRP B 197 -7.03 26.11 -2.89
CA TRP B 197 -8.41 25.99 -3.34
C TRP B 197 -9.01 24.66 -2.88
N ALA B 198 -8.17 23.66 -2.64
CA ALA B 198 -8.65 22.35 -2.21
C ALA B 198 -9.18 22.40 -0.79
N ALA B 199 -8.54 23.21 0.07
CA ALA B 199 -8.97 23.33 1.46
C ALA B 199 -10.40 23.88 1.42
N SER B 200 -10.60 24.78 0.47
CA SER B 200 -11.89 25.39 0.27
C SER B 200 -12.92 24.34 -0.14
N LYS B 201 -12.56 23.50 -1.12
CA LYS B 201 -13.45 22.46 -1.61
C LYS B 201 -13.93 21.51 -0.51
N PHE B 202 -13.07 21.26 0.46
CA PHE B 202 -13.41 20.35 1.56
C PHE B 202 -13.98 21.07 2.78
N GLY B 203 -14.30 22.34 2.61
CA GLY B 203 -14.88 23.10 3.69
C GLY B 203 -14.00 23.34 4.90
N LEU B 204 -12.70 23.40 4.70
CA LEU B 204 -11.80 23.63 5.83
C LEU B 204 -11.76 25.12 6.20
N ASP B 205 -11.16 25.43 7.33
CA ASP B 205 -10.97 26.82 7.74
C ASP B 205 -9.71 27.16 6.91
N VAL B 206 -9.89 27.89 5.82
CA VAL B 206 -8.79 28.22 4.91
C VAL B 206 -7.62 29.00 5.50
N VAL B 207 -7.90 29.96 6.37
CA VAL B 207 -6.82 30.74 6.96
C VAL B 207 -6.00 29.82 7.84
N LYS B 208 -6.72 29.02 8.61
CA LYS B 208 -6.11 28.06 9.51
C LYS B 208 -5.30 27.07 8.66
N PHE B 209 -5.88 26.61 7.57
CA PHE B 209 -5.20 25.68 6.66
C PHE B 209 -3.86 26.24 6.17
N LEU B 210 -3.89 27.46 5.63
CA LEU B 210 -2.68 28.06 5.09
C LEU B 210 -1.65 28.40 6.16
N VAL B 211 -2.11 28.88 7.31
CA VAL B 211 -1.20 29.21 8.40
C VAL B 211 -0.46 27.93 8.77
N ALA B 212 -1.22 26.85 8.90
CA ALA B 212 -0.67 25.55 9.22
C ALA B 212 0.38 25.15 8.18
N ALA B 213 0.07 25.37 6.90
CA ALA B 213 1.02 25.02 5.85
C ALA B 213 2.30 25.84 5.98
N ALA B 214 2.14 27.13 6.25
CA ALA B 214 3.28 28.03 6.40
C ALA B 214 4.12 27.59 7.60
N ALA B 215 3.46 27.22 8.70
CA ALA B 215 4.20 26.79 9.89
C ALA B 215 4.96 25.51 9.58
N THR B 216 4.30 24.62 8.83
CA THR B 216 4.92 23.35 8.47
C THR B 216 6.23 23.61 7.73
N VAL B 217 6.18 24.45 6.70
CA VAL B 217 7.39 24.73 5.94
C VAL B 217 8.45 25.33 6.86
N GLU B 218 8.01 26.22 7.75
CA GLU B 218 8.93 26.84 8.67
C GLU B 218 9.59 25.79 9.59
N MET B 219 8.76 25.03 10.30
CA MET B 219 9.27 24.02 11.21
C MET B 219 10.15 22.94 10.58
N LEU B 220 10.02 22.73 9.28
CA LEU B 220 10.85 21.73 8.62
C LEU B 220 12.12 22.38 8.05
N GLY B 221 12.27 23.69 8.26
CA GLY B 221 13.43 24.38 7.74
C GLY B 221 13.36 24.55 6.23
N GLY B 222 12.14 24.63 5.71
CA GLY B 222 11.97 24.82 4.28
C GLY B 222 12.19 26.26 3.87
N PRO B 223 12.16 26.57 2.57
CA PRO B 223 12.36 27.95 2.12
C PRO B 223 11.12 28.82 2.34
N LYS B 224 11.29 29.94 3.03
CA LYS B 224 10.20 30.86 3.32
C LYS B 224 10.04 31.83 2.16
N LYS B 225 9.89 31.26 0.96
CA LYS B 225 9.74 32.00 -0.29
C LYS B 225 8.47 31.46 -0.94
N ALA B 226 7.50 32.34 -1.19
CA ALA B 226 6.25 31.89 -1.77
C ALA B 226 5.80 32.54 -3.06
N LYS B 227 5.21 31.73 -3.92
CA LYS B 227 4.63 32.21 -5.16
C LYS B 227 3.15 31.87 -5.07
N ILE B 228 2.30 32.89 -5.11
CA ILE B 228 0.87 32.68 -5.05
C ILE B 228 0.27 32.70 -6.45
N VAL B 229 -0.29 31.57 -6.87
CA VAL B 229 -0.89 31.45 -8.18
C VAL B 229 -2.36 31.84 -8.15
N ILE B 230 -2.70 32.90 -8.89
CA ILE B 230 -4.07 33.41 -8.97
C ILE B 230 -4.66 33.25 -10.38
N PRO B 231 -5.98 33.08 -10.47
CA PRO B 231 -6.69 32.92 -11.75
C PRO B 231 -6.67 34.13 -12.69
#